data_4N31
#
_entry.id   4N31
#
_cell.length_a   132.811
_cell.length_b   132.811
_cell.length_c   107.156
_cell.angle_alpha   90.00
_cell.angle_beta   90.00
_cell.angle_gamma   120.00
#
_symmetry.space_group_name_H-M   'P 64 2 2'
#
loop_
_entity.id
_entity.type
_entity.pdbx_description
1 polymer SipA
2 non-polymer 'PHOSPHATE ION'
3 non-polymer PHOSPHATIDYLETHANOLAMINE
4 water water
#
_entity_poly.entity_id   1
_entity_poly.type   'polypeptide(L)'
_entity_poly.pdbx_seq_one_letter_code
;MSYYHHHHHHDYDIPTTENLYFQGAQYVFGVMIINTNDMSPALSAGDGVLYYRLTDRYHINDVVVYEVDNTLKVGRIAAQ
AGDEVSFTQEGGLLINGHPPEKEVPYLTYPHSSGPNFPYKVPTGTYFILNDYREERLDSRYYGALPINQIKGKISTLLRV
RGI
;
_entity_poly.pdbx_strand_id   A,B
#
# COMPACT_ATOMS: atom_id res chain seq x y z
N PHE A 22 -25.51 6.59 31.72
CA PHE A 22 -25.45 5.20 31.16
C PHE A 22 -23.99 4.60 31.14
N GLN A 23 -23.11 5.12 30.29
CA GLN A 23 -21.86 4.41 29.91
C GLN A 23 -20.96 4.12 31.10
N GLY A 24 -20.51 2.90 31.21
CA GLY A 24 -19.41 2.56 32.08
C GLY A 24 -18.03 3.02 31.65
N ALA A 25 -17.76 3.04 30.35
CA ALA A 25 -16.39 3.18 29.84
C ALA A 25 -16.52 3.63 28.42
N GLN A 26 -15.55 4.43 27.97
CA GLN A 26 -15.48 4.85 26.57
C GLN A 26 -14.06 4.54 26.01
N TYR A 27 -14.01 4.22 24.72
CA TYR A 27 -12.78 3.92 24.01
C TYR A 27 -12.02 5.21 23.83
N VAL A 28 -10.72 5.14 24.09
CA VAL A 28 -9.77 6.10 23.55
C VAL A 28 -8.97 5.56 22.39
N PHE A 29 -8.51 4.31 22.51
CA PHE A 29 -7.81 3.63 21.42
C PHE A 29 -8.36 2.21 21.30
N GLY A 30 -8.18 1.64 20.12
CA GLY A 30 -8.35 0.22 19.95
C GLY A 30 -7.18 -0.32 19.18
N VAL A 31 -6.77 -1.54 19.49
CA VAL A 31 -5.66 -2.14 18.81
C VAL A 31 -6.23 -3.38 18.22
N MET A 32 -6.12 -3.49 16.91
CA MET A 32 -6.87 -4.45 16.20
C MET A 32 -5.94 -5.18 15.24
N ILE A 33 -6.39 -6.33 14.76
CA ILE A 33 -5.78 -6.98 13.61
C ILE A 33 -6.73 -6.93 12.44
N ILE A 34 -6.19 -6.65 11.25
CA ILE A 34 -6.96 -6.59 10.02
C ILE A 34 -7.20 -7.97 9.43
N ASN A 35 -8.46 -8.27 9.16
CA ASN A 35 -8.89 -9.59 8.73
C ASN A 35 -9.07 -9.63 7.23
N THR A 36 -9.06 -8.50 6.56
CA THR A 36 -9.52 -8.44 5.13
C THR A 36 -8.39 -7.85 4.28
N ASN A 37 -8.47 -8.01 2.96
CA ASN A 37 -7.65 -7.22 2.05
C ASN A 37 -8.44 -6.13 1.31
N ASP A 38 -9.63 -5.81 1.81
CA ASP A 38 -10.48 -4.79 1.20
C ASP A 38 -9.85 -3.43 1.25
N MET A 39 -8.89 -3.22 2.16
CA MET A 39 -8.19 -1.91 2.22
C MET A 39 -6.80 -1.96 1.64
N SER A 40 -6.57 -3.01 0.87
CA SER A 40 -5.27 -3.20 0.22
C SER A 40 -5.05 -2.25 -0.95
N PRO A 41 -3.81 -1.77 -1.14
CA PRO A 41 -2.56 -2.12 -0.46
C PRO A 41 -2.17 -1.26 0.77
N ALA A 42 -2.96 -0.23 1.09
CA ALA A 42 -2.73 0.55 2.28
C ALA A 42 -2.66 -0.35 3.52
N LEU A 43 -3.61 -1.28 3.63
CA LEU A 43 -3.68 -2.20 4.76
C LEU A 43 -3.77 -3.60 4.20
N SER A 44 -3.13 -4.57 4.89
CA SER A 44 -3.22 -5.99 4.49
C SER A 44 -3.72 -6.86 5.63
N ALA A 45 -4.28 -8.03 5.28
CA ALA A 45 -4.71 -9.02 6.27
C ALA A 45 -3.53 -9.27 7.17
N GLY A 46 -3.75 -9.31 8.47
CA GLY A 46 -2.69 -9.61 9.43
C GLY A 46 -2.04 -8.35 9.96
N ASP A 47 -2.24 -7.23 9.30
CA ASP A 47 -1.68 -5.99 9.83
C ASP A 47 -2.25 -5.76 11.24
N GLY A 48 -1.41 -5.26 12.14
CA GLY A 48 -1.89 -4.68 13.38
C GLY A 48 -2.17 -3.22 13.19
N VAL A 49 -3.26 -2.71 13.78
CA VAL A 49 -3.53 -1.26 13.69
C VAL A 49 -3.91 -0.71 15.03
N LEU A 50 -3.70 0.59 15.18
CA LEU A 50 -4.28 1.32 16.28
C LEU A 50 -5.21 2.37 15.76
N TYR A 51 -6.36 2.50 16.44
CA TYR A 51 -7.27 3.62 16.13
C TYR A 51 -7.46 4.42 17.37
N TYR A 52 -7.77 5.69 17.17
CA TYR A 52 -8.25 6.55 18.25
C TYR A 52 -9.65 7.07 17.97
N ARG A 53 -10.46 7.17 19.01
CA ARG A 53 -11.82 7.66 18.88
C ARG A 53 -11.97 9.19 19.11
N LEU A 54 -12.40 9.89 18.08
CA LEU A 54 -12.70 11.34 18.18
C LEU A 54 -14.13 11.55 18.63
N THR A 55 -14.33 12.59 19.43
CA THR A 55 -15.64 12.97 19.89
C THR A 55 -16.25 13.91 18.86
N ASP A 56 -15.42 14.66 18.13
CA ASP A 56 -15.90 15.56 17.05
C ASP A 56 -15.89 14.80 15.71
N ARG A 57 -15.64 15.50 14.61
CA ARG A 57 -15.80 14.93 13.28
C ARG A 57 -14.53 14.27 12.71
N TYR A 58 -14.74 13.33 11.80
CA TYR A 58 -13.65 12.72 11.04
C TYR A 58 -13.39 13.54 9.79
N HIS A 59 -12.35 13.16 9.03
CA HIS A 59 -12.03 13.87 7.81
C HIS A 59 -11.92 13.00 6.60
N ILE A 60 -11.99 13.64 5.43
CA ILE A 60 -11.85 12.94 4.18
C ILE A 60 -10.43 12.35 4.07
N ASN A 61 -10.31 11.12 3.58
CA ASN A 61 -9.06 10.32 3.52
C ASN A 61 -8.69 9.59 4.79
N ASP A 62 -9.39 9.83 5.88
CA ASP A 62 -9.14 9.03 7.07
C ASP A 62 -9.55 7.61 6.76
N VAL A 63 -8.76 6.67 7.24
CA VAL A 63 -9.19 5.29 7.27
C VAL A 63 -9.79 5.04 8.64
N VAL A 64 -11.02 4.52 8.68
CA VAL A 64 -11.75 4.36 9.92
C VAL A 64 -12.22 2.95 10.08
N VAL A 65 -12.38 2.56 11.34
CA VAL A 65 -13.08 1.35 11.73
C VAL A 65 -14.55 1.72 11.96
N TYR A 66 -15.45 0.94 11.38
CA TYR A 66 -16.86 1.20 11.53
C TYR A 66 -17.68 -0.05 11.56
N GLU A 67 -18.90 0.10 12.05
CA GLU A 67 -19.75 -1.04 12.26
C GLU A 67 -20.97 -0.91 11.37
N VAL A 68 -21.31 -1.99 10.68
CA VAL A 68 -22.60 -2.09 10.04
C VAL A 68 -23.03 -3.55 10.04
N ASP A 69 -24.29 -3.81 10.39
CA ASP A 69 -24.80 -5.17 10.60
C ASP A 69 -24.06 -5.98 11.64
N ASN A 70 -23.86 -5.45 12.84
CA ASN A 70 -23.14 -6.16 13.90
C ASN A 70 -21.73 -6.62 13.44
N THR A 71 -21.19 -5.92 12.44
CA THR A 71 -19.98 -6.35 11.70
C THR A 71 -18.96 -5.21 11.65
N LEU A 72 -17.73 -5.47 12.09
CA LEU A 72 -16.72 -4.46 12.10
C LEU A 72 -16.11 -4.45 10.72
N LYS A 73 -15.84 -3.27 10.20
CA LYS A 73 -15.30 -3.11 8.87
C LYS A 73 -14.30 -1.97 8.94
N VAL A 74 -13.41 -1.90 7.95
CA VAL A 74 -12.54 -0.76 7.81
C VAL A 74 -12.78 -0.17 6.43
N GLY A 75 -12.61 1.15 6.30
CA GLY A 75 -12.61 1.77 4.96
C GLY A 75 -12.10 3.17 5.05
N ARG A 76 -12.06 3.86 3.91
CA ARG A 76 -11.55 5.20 3.83
C ARG A 76 -12.65 6.22 3.51
N ILE A 77 -12.70 7.31 4.24
CA ILE A 77 -13.77 8.28 4.06
C ILE A 77 -13.47 9.00 2.76
N ALA A 78 -14.38 8.89 1.80
CA ALA A 78 -14.25 9.57 0.48
C ALA A 78 -15.09 10.87 0.40
N ALA A 79 -16.15 10.99 1.19
CA ALA A 79 -16.98 12.23 1.17
C ALA A 79 -17.72 12.36 2.49
N GLN A 80 -18.15 13.59 2.77
CA GLN A 80 -18.83 13.91 4.01
C GLN A 80 -20.16 14.66 3.76
N ALA A 81 -20.84 15.03 4.84
CA ALA A 81 -22.17 15.62 4.79
C ALA A 81 -22.26 16.70 3.72
N GLY A 82 -23.27 16.59 2.86
CA GLY A 82 -23.53 17.62 1.86
C GLY A 82 -22.84 17.37 0.55
N ASP A 83 -21.83 16.51 0.55
CA ASP A 83 -21.11 16.19 -0.69
C ASP A 83 -22.02 15.39 -1.61
N GLU A 84 -21.67 15.42 -2.90
CA GLU A 84 -22.33 14.61 -3.92
C GLU A 84 -21.37 13.62 -4.58
N VAL A 85 -21.77 12.36 -4.59
CA VAL A 85 -20.90 11.28 -5.10
C VAL A 85 -21.55 10.78 -6.38
N SER A 86 -20.72 10.64 -7.42
CA SER A 86 -21.14 10.03 -8.68
C SER A 86 -19.99 9.22 -9.33
N PHE A 87 -20.34 8.46 -10.38
CA PHE A 87 -19.37 7.71 -11.16
C PHE A 87 -19.33 8.12 -12.64
N THR A 88 -18.17 8.10 -13.28
CA THR A 88 -18.08 8.18 -14.74
C THR A 88 -18.23 6.79 -15.35
N GLN A 89 -18.56 6.72 -16.64
CA GLN A 89 -18.66 5.43 -17.35
C GLN A 89 -17.32 4.70 -17.43
N GLU A 90 -16.21 5.45 -17.34
CA GLU A 90 -14.87 4.84 -17.31
C GLU A 90 -14.35 4.43 -15.90
N GLY A 91 -15.25 4.14 -14.96
CA GLY A 91 -14.85 3.63 -13.63
C GLY A 91 -14.12 4.63 -12.72
N GLY A 92 -14.44 5.90 -12.87
CA GLY A 92 -13.86 6.96 -12.03
C GLY A 92 -14.87 7.43 -11.00
N LEU A 93 -14.37 7.84 -9.84
CA LEU A 93 -15.21 8.38 -8.78
C LEU A 93 -15.19 9.90 -8.80
N LEU A 94 -16.36 10.50 -8.69
CA LEU A 94 -16.44 11.94 -8.57
C LEU A 94 -17.06 12.33 -7.23
N ILE A 95 -16.41 13.27 -6.56
CA ILE A 95 -16.91 13.89 -5.34
C ILE A 95 -17.14 15.35 -5.70
N ASN A 96 -18.39 15.80 -5.67
CA ASN A 96 -18.73 17.16 -6.03
C ASN A 96 -18.26 17.49 -7.47
N GLY A 97 -18.37 16.49 -8.32
CA GLY A 97 -17.93 16.64 -9.71
C GLY A 97 -16.43 16.62 -9.95
N HIS A 98 -15.62 16.56 -8.91
CA HIS A 98 -14.18 16.51 -9.07
C HIS A 98 -13.68 15.16 -8.61
N PRO A 99 -12.55 14.70 -9.18
CA PRO A 99 -11.97 13.45 -8.75
C PRO A 99 -11.21 13.62 -7.43
N PRO A 100 -11.17 12.58 -6.61
CA PRO A 100 -10.68 12.71 -5.25
C PRO A 100 -9.15 12.74 -5.15
N GLU A 101 -8.62 13.13 -3.99
CA GLU A 101 -7.15 13.24 -3.77
C GLU A 101 -6.51 11.87 -3.90
N LYS A 102 -7.05 10.91 -3.16
CA LYS A 102 -6.50 9.57 -3.04
C LYS A 102 -6.69 8.78 -4.33
N GLU A 103 -5.60 8.18 -4.81
CA GLU A 103 -5.65 7.34 -5.99
C GLU A 103 -5.39 5.92 -5.59
N VAL A 104 -6.12 5.02 -6.23
CA VAL A 104 -6.00 3.60 -5.96
C VAL A 104 -5.81 2.90 -7.30
N PRO A 105 -5.02 1.83 -7.32
CA PRO A 105 -4.74 1.07 -8.55
C PRO A 105 -5.92 0.18 -9.00
N TYR A 106 -7.13 0.73 -8.92
CA TYR A 106 -8.33 0.02 -9.35
C TYR A 106 -9.36 1.03 -9.80
N LEU A 107 -10.33 0.52 -10.54
CA LEU A 107 -11.46 1.29 -11.00
C LEU A 107 -12.65 1.16 -10.06
N THR A 108 -13.51 2.17 -10.08
CA THR A 108 -14.64 2.18 -9.18
C THR A 108 -15.95 2.15 -9.95
N TYR A 109 -16.77 1.15 -9.65
CA TYR A 109 -18.07 0.97 -10.26
C TYR A 109 -19.05 0.83 -9.13
N PRO A 110 -20.32 1.19 -9.36
CA PRO A 110 -21.36 1.09 -8.35
C PRO A 110 -21.68 -0.34 -8.02
N HIS A 111 -22.34 -0.53 -6.89
CA HIS A 111 -22.96 -1.79 -6.59
C HIS A 111 -24.38 -1.75 -7.10
N SER A 112 -24.74 -2.75 -7.89
CA SER A 112 -25.98 -2.75 -8.65
C SER A 112 -27.17 -2.67 -7.71
N SER A 113 -26.97 -3.14 -6.48
CA SER A 113 -28.03 -3.11 -5.49
C SER A 113 -27.80 -1.97 -4.44
N GLY A 114 -26.99 -0.97 -4.78
CA GLY A 114 -26.77 0.14 -3.86
C GLY A 114 -27.81 1.22 -4.06
N PRO A 115 -27.64 2.35 -3.38
CA PRO A 115 -28.61 3.39 -3.60
C PRO A 115 -28.35 4.07 -4.92
N ASN A 116 -29.13 5.10 -5.22
CA ASN A 116 -29.04 5.77 -6.51
C ASN A 116 -27.91 6.76 -6.51
N PHE A 117 -27.37 7.03 -7.69
CA PHE A 117 -26.33 8.02 -7.84
C PHE A 117 -26.76 8.89 -9.00
N PRO A 118 -26.41 10.18 -8.98
CA PRO A 118 -25.60 10.80 -7.94
C PRO A 118 -26.25 10.76 -6.56
N TYR A 119 -25.42 10.76 -5.51
CA TYR A 119 -25.89 10.47 -4.17
C TYR A 119 -25.47 11.62 -3.27
N LYS A 120 -26.47 12.27 -2.72
CA LYS A 120 -26.29 13.38 -1.79
C LYS A 120 -25.99 12.80 -0.42
N VAL A 121 -24.83 13.15 0.13
CA VAL A 121 -24.44 12.54 1.39
C VAL A 121 -25.22 13.18 2.55
N PRO A 122 -25.91 12.36 3.32
CA PRO A 122 -26.72 13.00 4.36
C PRO A 122 -25.91 13.65 5.45
N THR A 123 -26.55 14.62 6.10
CA THR A 123 -26.10 15.17 7.38
C THR A 123 -25.68 14.08 8.34
N GLY A 124 -24.53 14.29 8.97
CA GLY A 124 -24.05 13.39 10.00
C GLY A 124 -23.63 12.02 9.52
N THR A 125 -23.18 11.93 8.27
CA THR A 125 -22.76 10.66 7.70
C THR A 125 -21.47 10.79 6.91
N TYR A 126 -20.83 9.65 6.67
CA TYR A 126 -19.58 9.66 5.91
C TYR A 126 -19.69 8.59 4.83
N PHE A 127 -19.26 8.94 3.63
CA PHE A 127 -19.31 8.04 2.53
C PHE A 127 -17.96 7.32 2.44
N ILE A 128 -17.99 6.02 2.68
CA ILE A 128 -16.77 5.25 2.92
C ILE A 128 -16.56 4.24 1.79
N LEU A 129 -15.32 4.19 1.28
CA LEU A 129 -14.93 3.30 0.17
C LEU A 129 -13.75 2.36 0.52
N ASN A 130 -13.84 1.12 0.07
CA ASN A 130 -12.71 0.20 0.08
C ASN A 130 -11.63 0.67 -0.86
N ASP A 131 -10.40 0.80 -0.39
CA ASP A 131 -9.28 1.15 -1.30
C ASP A 131 -9.15 0.09 -2.43
N TYR A 132 -9.38 -1.17 -2.07
CA TYR A 132 -9.47 -2.23 -3.06
C TYR A 132 -10.87 -2.26 -3.67
N ARG A 133 -11.06 -1.45 -4.70
CA ARG A 133 -12.39 -1.01 -5.09
C ARG A 133 -13.21 -2.15 -5.68
N GLU A 134 -12.56 -3.22 -6.05
CA GLU A 134 -13.29 -4.28 -6.69
C GLU A 134 -14.13 -4.96 -5.67
N GLU A 135 -13.88 -4.75 -4.38
CA GLU A 135 -14.84 -5.24 -3.38
C GLU A 135 -15.80 -4.09 -3.10
N ARG A 136 -17.09 -4.30 -3.30
CA ARG A 136 -18.02 -3.19 -3.41
C ARG A 136 -18.97 -3.07 -2.24
N LEU A 137 -18.84 -3.98 -1.27
CA LEU A 137 -19.51 -3.88 0.01
C LEU A 137 -18.94 -2.75 0.85
N ASP A 138 -19.11 -1.52 0.37
CA ASP A 138 -18.81 -0.35 1.13
C ASP A 138 -19.98 0.66 0.96
N SER A 139 -19.76 1.96 1.00
CA SER A 139 -20.91 2.86 0.99
C SER A 139 -21.64 2.73 -0.35
N ARG A 140 -20.99 2.13 -1.35
CA ARG A 140 -21.67 1.87 -2.65
C ARG A 140 -22.80 0.91 -2.52
N TYR A 141 -22.81 0.18 -1.41
CA TYR A 141 -23.89 -0.73 -1.13
C TYR A 141 -24.74 -0.26 0.02
N TYR A 142 -24.12 0.33 1.06
CA TYR A 142 -24.78 0.62 2.32
C TYR A 142 -25.29 2.06 2.41
N GLY A 143 -24.91 2.89 1.46
CA GLY A 143 -24.92 4.32 1.66
C GLY A 143 -23.88 4.81 2.64
N ALA A 144 -23.96 6.10 2.97
CA ALA A 144 -23.04 6.75 3.91
C ALA A 144 -23.35 6.28 5.31
N LEU A 145 -22.31 6.19 6.13
CA LEU A 145 -22.45 5.67 7.48
C LEU A 145 -22.67 6.82 8.48
N PRO A 146 -23.68 6.68 9.38
CA PRO A 146 -23.81 7.68 10.42
C PRO A 146 -22.59 7.69 11.34
N ILE A 147 -22.22 8.88 11.80
CA ILE A 147 -21.06 9.06 12.66
C ILE A 147 -21.06 8.12 13.87
N ASN A 148 -22.22 7.87 14.44
CA ASN A 148 -22.26 7.05 15.62
C ASN A 148 -21.90 5.61 15.36
N GLN A 149 -21.76 5.23 14.10
CA GLN A 149 -21.34 3.88 13.78
C GLN A 149 -19.83 3.83 13.44
N ILE A 150 -19.17 4.98 13.47
CA ILE A 150 -17.72 5.02 13.33
C ILE A 150 -17.01 4.81 14.68
N LYS A 151 -16.18 3.77 14.80
CA LYS A 151 -15.48 3.52 16.06
C LYS A 151 -14.25 4.44 16.29
N GLY A 152 -13.53 4.74 15.24
CA GLY A 152 -12.41 5.65 15.34
C GLY A 152 -11.56 5.65 14.09
N LYS A 153 -10.48 6.41 14.16
CA LYS A 153 -9.60 6.58 13.00
C LYS A 153 -8.32 5.77 13.18
N ILE A 154 -7.98 5.02 12.15
CA ILE A 154 -6.73 4.25 12.15
C ILE A 154 -5.59 5.21 11.92
N SER A 155 -4.71 5.31 12.92
CA SER A 155 -3.58 6.25 12.87
C SER A 155 -2.24 5.57 12.70
N THR A 156 -2.15 4.28 13.07
CA THR A 156 -0.88 3.59 13.14
C THR A 156 -0.97 2.19 12.59
N LEU A 157 0.10 1.76 11.95
CA LEU A 157 0.14 0.44 11.36
C LEU A 157 1.45 -0.29 11.71
N LEU A 158 1.33 -1.57 12.07
CA LEU A 158 2.44 -2.49 12.34
C LEU A 158 2.32 -3.73 11.45
N ARG A 159 3.26 -3.87 10.54
CA ARG A 159 3.29 -4.99 9.61
C ARG A 159 4.58 -5.78 9.89
N VAL A 160 4.47 -7.10 9.99
CA VAL A 160 5.62 -7.92 10.38
C VAL A 160 5.95 -9.02 9.38
N ARG A 161 5.00 -9.38 8.55
CA ARG A 161 5.20 -10.41 7.58
C ARG A 161 4.67 -9.88 6.28
N GLY A 162 5.13 -10.42 5.17
CA GLY A 162 4.52 -10.12 3.88
C GLY A 162 4.81 -8.72 3.39
N ILE A 163 5.92 -8.14 3.83
CA ILE A 163 6.26 -6.77 3.43
C ILE A 163 6.67 -6.72 1.98
N TYR B 27 20.79 -11.21 15.30
CA TYR B 27 22.07 -10.70 15.87
C TYR B 27 22.17 -9.15 15.70
N VAL B 28 22.49 -8.68 14.51
CA VAL B 28 22.58 -7.22 14.29
C VAL B 28 21.30 -6.62 13.69
N PHE B 29 20.73 -5.62 14.37
CA PHE B 29 19.48 -4.98 13.93
C PHE B 29 19.76 -3.52 13.62
N GLY B 30 19.26 -3.02 12.51
CA GLY B 30 19.20 -1.57 12.26
C GLY B 30 17.79 -0.96 12.29
N VAL B 31 17.71 0.33 12.52
CA VAL B 31 16.47 1.04 12.48
C VAL B 31 16.60 2.24 11.54
N MET B 32 15.70 2.39 10.57
CA MET B 32 15.63 3.61 9.78
C MET B 32 14.24 4.10 9.40
N ILE B 33 14.22 5.38 9.07
CA ILE B 33 13.06 6.04 8.49
C ILE B 33 13.17 6.04 6.98
N ILE B 34 12.25 5.36 6.30
CA ILE B 34 12.24 5.38 4.87
C ILE B 34 12.08 6.82 4.40
N ASN B 35 12.90 7.22 3.44
CA ASN B 35 12.91 8.61 3.02
C ASN B 35 12.66 8.80 1.53
N THR B 36 12.23 7.75 0.84
CA THR B 36 11.65 7.91 -0.50
C THR B 36 10.37 7.11 -0.65
N ASN B 37 9.75 7.23 -1.82
CA ASN B 37 8.62 6.38 -2.21
C ASN B 37 8.98 5.38 -3.29
N ASP B 38 10.27 5.04 -3.33
CA ASP B 38 10.73 4.05 -4.29
C ASP B 38 10.03 2.73 -4.07
N MET B 39 9.61 2.47 -2.82
CA MET B 39 9.07 1.16 -2.52
C MET B 39 7.54 1.18 -2.30
N SER B 40 6.94 2.29 -2.70
CA SER B 40 5.51 2.51 -2.62
C SER B 40 4.70 1.58 -3.53
N PRO B 41 3.54 1.11 -3.04
CA PRO B 41 2.91 1.37 -1.73
C PRO B 41 3.35 0.48 -0.57
N ALA B 42 4.16 -0.54 -0.86
CA ALA B 42 4.60 -1.44 0.18
C ALA B 42 5.20 -0.64 1.34
N LEU B 43 6.02 0.35 1.03
CA LEU B 43 6.67 1.19 2.04
C LEU B 43 6.54 2.63 1.57
N SER B 44 6.34 3.57 2.50
CA SER B 44 6.24 4.99 2.15
C SER B 44 7.22 5.84 2.92
N ALA B 45 7.55 6.99 2.34
CA ALA B 45 8.42 7.91 3.04
C ALA B 45 7.83 8.12 4.44
N GLY B 46 8.68 8.19 5.44
CA GLY B 46 8.20 8.37 6.80
C GLY B 46 7.92 7.08 7.56
N ASP B 47 7.86 5.96 6.85
CA ASP B 47 7.74 4.70 7.54
C ASP B 47 8.97 4.45 8.41
N GLY B 48 8.75 3.85 9.57
CA GLY B 48 9.83 3.28 10.34
C GLY B 48 10.02 1.81 10.06
N VAL B 49 11.29 1.39 9.85
CA VAL B 49 11.61 0.00 9.67
C VAL B 49 12.71 -0.55 10.56
N LEU B 50 12.62 -1.86 10.76
CA LEU B 50 13.64 -2.64 11.43
C LEU B 50 14.18 -3.66 10.46
N TYR B 51 15.51 -3.71 10.37
CA TYR B 51 16.16 -4.65 9.46
C TYR B 51 17.32 -5.34 10.16
N TYR B 52 17.51 -6.61 9.83
CA TYR B 52 18.62 -7.37 10.40
C TYR B 52 19.48 -8.00 9.32
N ARG B 53 20.75 -8.21 9.66
CA ARG B 53 21.76 -8.71 8.71
C ARG B 53 21.74 -10.24 8.64
N LEU B 54 21.59 -10.77 7.42
CA LEU B 54 21.25 -12.18 7.23
C LEU B 54 22.45 -13.16 7.20
N ARG B 57 22.52 -14.52 3.08
CA ARG B 57 21.56 -15.29 2.26
C ARG B 57 20.15 -14.66 2.23
N TYR B 58 19.80 -14.06 1.11
CA TYR B 58 18.51 -13.42 0.96
C TYR B 58 17.61 -14.26 0.02
N HIS B 59 16.33 -13.91 -0.05
CA HIS B 59 15.39 -14.66 -0.90
C HIS B 59 14.63 -13.68 -1.72
N ILE B 60 14.20 -14.13 -2.89
CA ILE B 60 13.35 -13.36 -3.78
C ILE B 60 12.14 -12.85 -3.00
N ASN B 61 11.77 -11.60 -3.26
CA ASN B 61 10.73 -10.90 -2.52
C ASN B 61 11.14 -10.34 -1.17
N ASP B 62 12.28 -10.74 -0.61
CA ASP B 62 12.82 -9.96 0.52
C ASP B 62 12.90 -8.48 0.16
N VAL B 63 12.51 -7.62 1.07
CA VAL B 63 12.81 -6.22 0.92
C VAL B 63 13.99 -5.88 1.82
N VAL B 64 15.01 -5.25 1.21
CA VAL B 64 16.32 -5.08 1.86
C VAL B 64 16.77 -3.63 1.82
N VAL B 65 17.56 -3.26 2.83
CA VAL B 65 18.28 -1.99 2.84
C VAL B 65 19.65 -2.24 2.22
N TYR B 66 20.07 -1.38 1.30
CA TYR B 66 21.37 -1.54 0.69
C TYR B 66 21.99 -0.17 0.43
N GLU B 67 23.29 -0.18 0.19
CA GLU B 67 24.04 1.03 0.03
C GLU B 67 24.61 1.10 -1.37
N VAL B 68 24.46 2.26 -2.00
CA VAL B 68 25.23 2.65 -3.17
C VAL B 68 25.65 4.10 -2.99
N ASP B 69 26.93 4.38 -3.26
CA ASP B 69 27.45 5.75 -3.17
C ASP B 69 27.21 6.38 -1.82
N ASN B 70 27.63 5.69 -0.76
CA ASN B 70 27.47 6.21 0.62
C ASN B 70 26.04 6.72 0.90
N THR B 71 25.04 6.01 0.34
CA THR B 71 23.60 6.32 0.49
C THR B 71 22.73 5.04 0.69
N LEU B 72 21.96 5.00 1.76
CA LEU B 72 21.07 3.90 2.09
C LEU B 72 19.82 3.90 1.21
N LYS B 73 19.50 2.76 0.61
CA LYS B 73 18.29 2.65 -0.20
C LYS B 73 17.57 1.40 0.22
N VAL B 74 16.33 1.27 -0.25
CA VAL B 74 15.53 0.07 -0.05
C VAL B 74 15.01 -0.42 -1.37
N GLY B 75 14.95 -1.73 -1.51
CA GLY B 75 14.41 -2.35 -2.68
C GLY B 75 14.11 -3.80 -2.44
N ARG B 76 13.43 -4.39 -3.40
CA ARG B 76 12.97 -5.76 -3.27
C ARG B 76 13.80 -6.61 -4.20
N ILE B 77 14.13 -7.81 -3.75
CA ILE B 77 14.97 -8.71 -4.48
C ILE B 77 14.13 -9.48 -5.48
N ALA B 78 14.40 -9.25 -6.76
CA ALA B 78 13.71 -9.91 -7.86
C ALA B 78 14.48 -11.13 -8.39
N ALA B 79 15.81 -11.18 -8.22
CA ALA B 79 16.59 -12.33 -8.76
C ALA B 79 17.91 -12.52 -8.06
N GLN B 80 18.40 -13.76 -8.12
CA GLN B 80 19.60 -14.19 -7.46
C GLN B 80 20.61 -14.85 -8.41
N ALA B 81 21.70 -15.37 -7.85
CA ALA B 81 22.88 -15.75 -8.63
C ALA B 81 22.46 -16.74 -9.68
N GLY B 82 22.74 -16.44 -10.94
CA GLY B 82 22.52 -17.40 -11.99
C GLY B 82 21.31 -17.03 -12.81
N ASP B 83 20.36 -16.32 -12.22
CA ASP B 83 19.13 -16.06 -12.95
C ASP B 83 19.47 -15.17 -14.13
N GLU B 84 18.60 -15.17 -15.13
CA GLU B 84 18.64 -14.17 -16.16
C GLU B 84 17.41 -13.28 -16.10
N VAL B 85 17.58 -12.02 -16.49
CA VAL B 85 16.58 -10.99 -16.24
C VAL B 85 16.41 -10.29 -17.56
N SER B 86 15.16 -10.28 -18.04
CA SER B 86 14.87 -9.79 -19.38
C SER B 86 13.62 -8.92 -19.30
N PHE B 87 13.47 -8.03 -20.28
CA PHE B 87 12.26 -7.22 -20.40
C PHE B 87 11.42 -7.59 -21.63
N THR B 88 10.10 -7.41 -21.55
CA THR B 88 9.22 -7.48 -22.72
C THR B 88 8.93 -6.08 -23.25
N GLN B 89 8.55 -6.00 -24.53
CA GLN B 89 8.28 -4.71 -25.15
C GLN B 89 7.14 -4.01 -24.40
N GLU B 90 6.29 -4.82 -23.75
CA GLU B 90 5.11 -4.32 -23.03
C GLU B 90 5.35 -4.11 -21.53
N GLY B 91 6.55 -3.65 -21.18
CA GLY B 91 6.85 -3.20 -19.80
C GLY B 91 6.82 -4.32 -18.76
N GLY B 92 7.14 -5.53 -19.19
CA GLY B 92 7.00 -6.70 -18.31
C GLY B 92 8.36 -7.24 -17.93
N LEU B 93 8.42 -8.00 -16.85
CA LEU B 93 9.69 -8.46 -16.36
C LEU B 93 9.74 -9.95 -16.39
N LEU B 94 10.88 -10.45 -16.87
CA LEU B 94 11.11 -11.87 -16.90
C LEU B 94 12.37 -12.22 -16.15
N ILE B 95 12.23 -13.22 -15.28
CA ILE B 95 13.32 -13.86 -14.59
C ILE B 95 13.33 -15.27 -15.14
N ASN B 96 14.24 -15.55 -16.07
CA ASN B 96 14.37 -16.90 -16.60
C ASN B 96 13.17 -17.24 -17.48
N GLY B 97 12.80 -16.31 -18.36
CA GLY B 97 11.53 -16.35 -19.10
C GLY B 97 10.31 -15.97 -18.26
N HIS B 98 10.09 -16.73 -17.20
CA HIS B 98 8.82 -16.65 -16.46
C HIS B 98 8.79 -15.40 -15.63
N PRO B 99 7.63 -14.70 -15.61
CA PRO B 99 7.53 -13.46 -14.82
C PRO B 99 7.40 -13.71 -13.31
N PRO B 100 7.56 -12.66 -12.51
CA PRO B 100 7.83 -12.81 -11.07
C PRO B 100 6.59 -13.20 -10.25
N GLU B 101 6.78 -13.65 -9.01
CA GLU B 101 5.65 -13.83 -8.08
C GLU B 101 4.99 -12.45 -7.83
N LYS B 102 5.70 -11.58 -7.14
CA LYS B 102 5.23 -10.23 -6.81
C LYS B 102 4.80 -9.42 -8.03
N GLU B 103 3.57 -8.88 -7.97
CA GLU B 103 3.08 -7.92 -8.96
C GLU B 103 3.00 -6.51 -8.42
N VAL B 104 3.27 -5.54 -9.29
CA VAL B 104 3.14 -4.14 -8.92
C VAL B 104 2.33 -3.42 -9.98
N PRO B 105 1.60 -2.38 -9.55
CA PRO B 105 0.79 -1.60 -10.48
C PRO B 105 1.64 -0.64 -11.32
N TYR B 106 2.82 -1.10 -11.75
CA TYR B 106 3.59 -0.35 -12.73
C TYR B 106 4.21 -1.26 -13.77
N LEU B 107 4.46 -0.67 -14.94
CA LEU B 107 5.24 -1.32 -15.98
C LEU B 107 6.74 -1.15 -15.69
N THR B 108 7.51 -2.16 -16.03
CA THR B 108 8.94 -2.14 -15.80
C THR B 108 9.69 -2.00 -17.11
N TYR B 109 10.23 -0.80 -17.37
CA TYR B 109 11.18 -0.57 -18.45
C TYR B 109 12.64 -0.40 -17.96
N PRO B 110 13.60 -0.80 -18.82
CA PRO B 110 15.02 -0.71 -18.52
C PRO B 110 15.45 0.74 -18.31
N HIS B 111 16.61 0.93 -17.69
CA HIS B 111 17.29 2.22 -17.69
C HIS B 111 18.31 2.25 -18.81
N SER B 112 18.42 3.39 -19.48
CA SER B 112 19.19 3.46 -20.73
C SER B 112 20.69 3.43 -20.47
N SER B 113 21.10 3.93 -19.31
CA SER B 113 22.49 3.88 -18.89
C SER B 113 22.82 2.68 -18.02
N GLY B 114 21.99 1.64 -18.06
CA GLY B 114 22.22 0.46 -17.24
C GLY B 114 22.86 -0.67 -17.99
N PRO B 115 23.15 -1.77 -17.31
CA PRO B 115 23.70 -2.87 -18.07
C PRO B 115 22.81 -3.34 -19.23
N ASN B 116 23.38 -4.09 -20.16
CA ASN B 116 22.62 -4.69 -21.23
C ASN B 116 21.77 -5.80 -20.67
N PHE B 117 20.57 -5.94 -21.22
CA PHE B 117 19.75 -7.13 -20.99
C PHE B 117 19.52 -7.87 -22.30
N PRO B 118 19.39 -9.19 -22.23
CA PRO B 118 19.25 -9.87 -20.96
C PRO B 118 20.52 -9.84 -20.13
N TYR B 119 20.36 -10.06 -18.84
CA TYR B 119 21.38 -9.70 -17.87
C TYR B 119 21.48 -10.87 -16.94
N LYS B 120 22.68 -11.40 -16.82
CA LYS B 120 22.88 -12.58 -15.99
C LYS B 120 23.39 -12.15 -14.63
N VAL B 121 22.83 -12.73 -13.57
CA VAL B 121 23.08 -12.22 -12.23
C VAL B 121 24.32 -12.91 -11.64
N PRO B 122 25.33 -12.10 -11.29
CA PRO B 122 26.56 -12.75 -10.89
C PRO B 122 26.39 -13.42 -9.53
N THR B 123 27.19 -14.45 -9.29
CA THR B 123 27.39 -15.01 -7.96
C THR B 123 27.60 -13.91 -6.95
N GLY B 124 27.08 -14.10 -5.73
CA GLY B 124 27.33 -13.20 -4.65
C GLY B 124 26.61 -11.87 -4.81
N THR B 125 25.71 -11.79 -5.77
CA THR B 125 24.90 -10.60 -5.92
C THR B 125 23.41 -10.91 -5.91
N TYR B 126 22.62 -9.83 -5.83
CA TYR B 126 21.16 -9.91 -5.92
C TYR B 126 20.61 -8.77 -6.74
N PHE B 127 19.68 -9.08 -7.64
CA PHE B 127 19.12 -8.08 -8.55
C PHE B 127 17.93 -7.45 -7.83
N ILE B 128 17.95 -6.13 -7.64
CA ILE B 128 17.01 -5.47 -6.74
C ILE B 128 16.17 -4.48 -7.56
N LEU B 129 14.86 -4.49 -7.33
CA LEU B 129 13.94 -3.59 -8.03
C LEU B 129 13.11 -2.75 -7.05
N ASN B 130 12.94 -1.48 -7.41
CA ASN B 130 11.93 -0.62 -6.81
C ASN B 130 10.51 -1.11 -7.09
N ASP B 131 9.67 -1.28 -6.05
CA ASP B 131 8.23 -1.58 -6.25
C ASP B 131 7.54 -0.50 -7.09
N TYR B 132 7.91 0.75 -6.86
CA TYR B 132 7.46 1.85 -7.68
C TYR B 132 8.35 2.01 -8.91
N ARG B 133 8.00 1.32 -9.99
CA ARG B 133 8.99 0.96 -10.99
C ARG B 133 9.38 2.11 -11.85
N GLU B 134 8.60 3.19 -11.79
CA GLU B 134 8.93 4.40 -12.54
C GLU B 134 10.20 5.05 -12.04
N GLU B 135 10.65 4.67 -10.84
CA GLU B 135 11.97 5.10 -10.36
C GLU B 135 12.95 4.03 -10.77
N ARG B 136 13.82 4.36 -11.71
CA ARG B 136 14.55 3.32 -12.42
C ARG B 136 15.96 3.14 -11.89
N LEU B 137 16.31 3.89 -10.84
CA LEU B 137 17.61 3.75 -10.21
C LEU B 137 17.66 2.62 -9.20
N ASP B 138 17.39 1.40 -9.66
CA ASP B 138 17.64 0.20 -8.88
C ASP B 138 18.66 -0.66 -9.65
N SER B 139 18.60 -1.97 -9.56
CA SER B 139 19.59 -2.77 -10.27
C SER B 139 19.56 -2.59 -11.79
N ARG B 140 18.51 -1.95 -12.28
CA ARG B 140 18.38 -1.73 -13.72
C ARG B 140 19.37 -0.67 -14.15
N TYR B 141 19.81 0.13 -13.19
CA TYR B 141 20.87 1.09 -13.43
C TYR B 141 22.22 0.59 -12.90
N TYR B 142 22.20 -0.05 -11.74
CA TYR B 142 23.44 -0.39 -11.03
C TYR B 142 23.95 -1.78 -11.32
N GLY B 143 23.09 -2.60 -11.89
CA GLY B 143 23.31 -4.03 -11.84
C GLY B 143 22.99 -4.62 -10.49
N ALA B 144 23.19 -5.91 -10.37
CA ALA B 144 22.98 -6.62 -9.15
C ALA B 144 23.89 -6.09 -8.07
N LEU B 145 23.37 -6.04 -6.85
CA LEU B 145 24.12 -5.56 -5.71
C LEU B 145 24.90 -6.70 -5.06
N PRO B 146 26.21 -6.48 -4.81
CA PRO B 146 26.90 -7.45 -3.99
C PRO B 146 26.39 -7.47 -2.54
N ILE B 147 26.52 -8.63 -1.93
CA ILE B 147 26.15 -8.89 -0.57
C ILE B 147 26.68 -7.87 0.42
N ASN B 148 27.94 -7.47 0.24
CA ASN B 148 28.63 -6.59 1.22
C ASN B 148 27.98 -5.25 1.17
N GLN B 149 27.24 -4.95 0.12
CA GLN B 149 26.49 -3.70 0.07
C GLN B 149 25.03 -3.81 0.57
N ILE B 150 24.60 -5.01 0.91
CA ILE B 150 23.25 -5.19 1.43
C ILE B 150 23.33 -5.19 2.95
N LYS B 151 22.70 -4.22 3.58
CA LYS B 151 22.75 -4.09 5.03
C LYS B 151 21.79 -4.96 5.79
N GLY B 152 20.71 -5.42 5.16
CA GLY B 152 19.83 -6.38 5.82
C GLY B 152 18.40 -6.46 5.28
N LYS B 153 17.66 -7.45 5.76
CA LYS B 153 16.27 -7.68 5.42
C LYS B 153 15.38 -6.86 6.37
N ILE B 154 14.42 -6.12 5.80
CA ILE B 154 13.39 -5.45 6.60
C ILE B 154 12.37 -6.45 7.11
N SER B 155 12.29 -6.58 8.42
CA SER B 155 11.40 -7.52 9.04
C SER B 155 10.14 -6.87 9.66
N THR B 156 10.16 -5.55 9.92
CA THR B 156 9.06 -4.88 10.61
C THR B 156 8.89 -3.47 10.08
N LEU B 157 7.64 -3.09 9.82
CA LEU B 157 7.29 -1.72 9.46
C LEU B 157 6.29 -1.09 10.45
N LEU B 158 6.53 0.16 10.79
CA LEU B 158 5.66 0.96 11.65
C LEU B 158 5.40 2.24 10.91
N ARG B 159 4.15 2.36 10.45
CA ARG B 159 3.66 3.53 9.75
C ARG B 159 2.80 4.35 10.72
N VAL B 160 3.17 5.59 10.93
CA VAL B 160 2.54 6.39 11.93
C VAL B 160 1.79 7.56 11.36
N ARG B 161 1.75 7.70 10.04
CA ARG B 161 0.89 8.73 9.45
C ARG B 161 0.67 8.42 7.99
N GLY B 162 -0.30 9.10 7.39
CA GLY B 162 -0.58 8.91 5.96
C GLY B 162 -1.17 7.55 5.63
N ILE B 163 -1.99 7.02 6.51
CA ILE B 163 -2.51 5.70 6.28
C ILE B 163 -3.49 5.67 5.14
#